data_8K56
#
_entry.id   8K56
#
_cell.length_a   72.456
_cell.length_b   89.294
_cell.length_c   127.240
_cell.angle_alpha   90.00
_cell.angle_beta   90.00
_cell.angle_gamma   90.00
#
_symmetry.space_group_name_H-M   'P 21 21 21'
#
loop_
_entity.id
_entity.type
_entity.pdbx_description
1 polymer 'arylamine N-acyltransferase'
2 non-polymer '~{S}-(2-acetamidoethyl) (~{E})-oct-2-enethioate'
3 non-polymer 'SULFATE ION'
4 water water
#
_entity_poly.entity_id   1
_entity_poly.type   'polypeptide(L)'
_entity_poly.pdbx_seq_one_letter_code
;HHHHHHSSGLVPRGSHMETESLPWREYLERIGYQGLLNNSLECLRELYTAHLRSVPYEMLDSFDGTPPVLGHAESFAKLV
HRRRGGNCLESTPLFGEFLRQAGFEVRLVPAQIWKVSGEWWDAWDHLLLIVTVDGEDWLLDVGFLMLTFAEPLKVAEGPQ
EQSGWRFRVAEEEGFPTVSHQGPDGTWTAVYRYRDEPQQRADYEWIIDFHKSAEDSPLVGTLLCSRNVPDGKLIMIGENL
LHARNGRVSAEFIETTSRAEELLRVIFAGHEHMVESAVRTWEKARADRSTRRSLVYRKAEQ
;
_entity_poly.pdbx_strand_id   B,A
#
# COMPACT_ATOMS: atom_id res chain seq x y z
N GLY A 9 20.62 -11.53 25.43
CA GLY A 9 20.92 -12.60 24.48
C GLY A 9 22.39 -13.00 24.43
N LEU A 10 22.76 -13.81 23.44
CA LEU A 10 24.16 -14.13 23.14
C LEU A 10 24.72 -13.37 21.96
N VAL A 11 23.85 -12.73 21.16
CA VAL A 11 24.27 -11.88 20.07
C VAL A 11 24.38 -10.45 20.61
N PRO A 12 25.58 -9.88 20.72
CA PRO A 12 25.73 -8.57 21.37
C PRO A 12 24.85 -7.51 20.73
N ARG A 13 24.34 -6.62 21.57
CA ARG A 13 23.52 -5.50 21.11
C ARG A 13 24.34 -4.52 20.28
N GLY A 14 23.73 -4.03 19.20
CA GLY A 14 24.40 -3.12 18.30
C GLY A 14 25.27 -3.76 17.25
N SER A 15 25.56 -5.05 17.36
CA SER A 15 26.42 -5.71 16.38
C SER A 15 25.74 -5.77 15.03
N HIS A 16 26.57 -5.80 13.98
CA HIS A 16 26.04 -6.08 12.66
C HIS A 16 25.26 -7.39 12.63
N MET A 17 25.67 -8.36 13.46
CA MET A 17 24.98 -9.64 13.54
C MET A 17 23.55 -9.49 14.08
N GLU A 18 23.36 -8.62 15.06
CA GLU A 18 22.02 -8.43 15.60
C GLU A 18 21.10 -7.81 14.55
N THR A 19 21.51 -6.70 13.93
CA THR A 19 20.60 -6.03 13.00
C THR A 19 20.43 -6.83 11.72
N GLU A 20 21.37 -7.71 11.39
CA GLU A 20 21.29 -8.46 10.14
C GLU A 20 20.34 -9.64 10.22
N SER A 21 20.05 -10.15 11.42
CA SER A 21 19.08 -11.23 11.58
C SER A 21 17.74 -10.76 12.15
N LEU A 22 17.42 -9.47 12.02
CA LEU A 22 16.10 -8.99 12.42
C LEU A 22 15.04 -9.58 11.47
N PRO A 23 13.87 -9.96 11.99
CA PRO A 23 12.84 -10.66 11.17
C PRO A 23 11.96 -9.73 10.34
N TRP A 24 12.52 -9.28 9.21
CA TRP A 24 11.87 -8.27 8.38
C TRP A 24 10.48 -8.71 7.92
N ARG A 25 10.22 -10.01 7.86
CA ARG A 25 8.89 -10.52 7.55
C ARG A 25 7.86 -9.95 8.52
N GLU A 26 8.20 -9.92 9.81
CA GLU A 26 7.28 -9.35 10.80
C GLU A 26 7.14 -7.85 10.64
N TYR A 27 8.21 -7.17 10.21
CA TYR A 27 8.15 -5.73 9.99
C TYR A 27 7.23 -5.39 8.82
N LEU A 28 7.37 -6.10 7.70
CA LEU A 28 6.44 -5.90 6.58
C LEU A 28 5.00 -6.21 6.97
N GLU A 29 4.80 -7.22 7.82
CA GLU A 29 3.48 -7.45 8.39
C GLU A 29 3.01 -6.25 9.21
N ARG A 30 3.87 -5.71 10.08
CA ARG A 30 3.50 -4.57 10.89
C ARG A 30 3.02 -3.38 10.03
N ILE A 31 3.68 -3.14 8.89
CA ILE A 31 3.30 -1.97 8.08
C ILE A 31 2.32 -2.35 6.97
N GLY A 32 1.79 -3.57 7.00
CA GLY A 32 0.74 -3.95 6.07
C GLY A 32 1.17 -3.97 4.62
N TYR A 33 2.20 -4.77 4.35
CA TYR A 33 2.73 -4.97 3.00
C TYR A 33 2.86 -6.47 2.86
N GLN A 34 1.83 -7.12 2.35
CA GLN A 34 1.85 -8.57 2.12
C GLN A 34 2.10 -8.88 0.65
N GLY A 35 2.93 -8.13 -0.07
CA GLY A 35 3.27 -8.43 -1.44
C GLY A 35 4.72 -8.88 -1.61
N LEU A 36 5.08 -9.11 -2.87
CA LEU A 36 6.45 -9.36 -3.29
C LEU A 36 7.22 -8.04 -3.35
N LEU A 37 8.54 -8.13 -3.19
CA LEU A 37 9.43 -6.96 -3.21
C LEU A 37 10.39 -7.04 -4.39
N ASN A 38 10.55 -5.93 -5.12
CA ASN A 38 11.74 -5.75 -5.94
C ASN A 38 12.28 -4.36 -5.69
N ASN A 39 13.28 -3.93 -6.44
CA ASN A 39 13.89 -2.64 -6.22
C ASN A 39 13.42 -1.58 -7.21
N SER A 40 12.26 -1.77 -7.82
CA SER A 40 11.72 -0.74 -8.71
C SER A 40 11.24 0.46 -7.89
N LEU A 41 11.11 1.59 -8.56
CA LEU A 41 10.48 2.75 -7.94
C LEU A 41 9.04 2.46 -7.52
N GLU A 42 8.34 1.59 -8.27
CA GLU A 42 6.95 1.33 -7.89
C GLU A 42 6.88 0.59 -6.55
N CYS A 43 7.84 -0.30 -6.29
CA CYS A 43 7.88 -0.96 -4.98
C CYS A 43 8.21 0.02 -3.87
N LEU A 44 9.22 0.87 -4.08
CA LEU A 44 9.52 1.95 -3.13
C LEU A 44 8.28 2.77 -2.79
N ARG A 45 7.48 3.14 -3.81
CA ARG A 45 6.29 3.97 -3.54
C ARG A 45 5.31 3.25 -2.64
N GLU A 46 5.15 1.93 -2.84
CA GLU A 46 4.16 1.19 -2.08
C GLU A 46 4.63 0.90 -0.65
N LEU A 47 5.93 0.62 -0.46
CA LEU A 47 6.47 0.53 0.89
C LEU A 47 6.26 1.82 1.67
N TYR A 48 6.59 2.96 1.06
CA TYR A 48 6.44 4.25 1.73
C TYR A 48 4.98 4.49 2.13
N THR A 49 4.05 4.32 1.18
CA THR A 49 2.64 4.49 1.49
C THR A 49 2.21 3.54 2.61
N ALA A 50 2.61 2.27 2.52
CA ALA A 50 2.25 1.31 3.56
C ALA A 50 2.68 1.79 4.94
N HIS A 51 3.92 2.29 5.06
CA HIS A 51 4.43 2.75 6.37
C HIS A 51 3.64 3.96 6.83
N LEU A 52 3.46 4.94 5.96
CA LEU A 52 2.76 6.15 6.35
C LEU A 52 1.34 5.86 6.82
N ARG A 53 0.64 4.92 6.17
CA ARG A 53 -0.75 4.65 6.51
C ARG A 53 -0.87 3.76 7.74
N SER A 54 0.16 2.94 8.01
CA SER A 54 0.10 1.90 9.03
C SER A 54 0.65 2.34 10.38
N VAL A 55 1.52 3.34 10.42
CA VAL A 55 2.25 3.71 11.62
C VAL A 55 1.95 5.17 11.95
N PRO A 56 1.27 5.46 13.04
CA PRO A 56 1.07 6.87 13.40
C PRO A 56 2.36 7.45 13.97
N TYR A 57 2.48 8.78 13.84
CA TYR A 57 3.54 9.50 14.56
C TYR A 57 3.10 9.66 16.00
N GLU A 58 3.98 9.27 16.92
CA GLU A 58 3.67 9.43 18.34
C GLU A 58 4.97 9.53 19.12
N MET A 59 4.97 10.42 20.11
CA MET A 59 6.10 10.65 21.00
C MET A 59 5.74 10.30 22.44
N LEU A 60 4.74 9.43 22.64
CA LEU A 60 4.09 9.28 23.95
C LEU A 60 5.08 8.98 25.06
N ASP A 61 6.02 8.06 24.82
CA ASP A 61 6.95 7.66 25.87
C ASP A 61 7.85 8.80 26.34
N SER A 62 7.98 9.88 25.57
CA SER A 62 8.87 10.97 25.92
C SER A 62 8.16 12.13 26.60
N PHE A 63 6.84 12.02 26.81
CA PHE A 63 6.15 13.05 27.56
C PHE A 63 6.81 13.25 28.92
N ASP A 64 7.33 12.16 29.48
CA ASP A 64 8.11 12.15 30.72
C ASP A 64 9.36 13.00 30.64
N GLY A 65 9.99 13.08 29.46
CA GLY A 65 11.39 13.39 29.35
C GLY A 65 12.27 12.17 29.21
N THR A 66 11.67 10.97 29.27
CA THR A 66 12.39 9.70 29.09
C THR A 66 12.84 9.58 27.64
N PRO A 67 14.14 9.41 27.38
CA PRO A 67 14.61 9.40 25.98
C PRO A 67 14.32 8.06 25.31
N PRO A 68 14.19 8.06 23.99
CA PRO A 68 14.18 6.79 23.25
C PRO A 68 15.54 6.10 23.31
N VAL A 69 15.52 4.77 23.19
CA VAL A 69 16.73 4.01 22.92
C VAL A 69 16.89 3.91 21.42
N LEU A 70 18.13 3.92 20.95
CA LEU A 70 18.40 4.17 19.55
C LEU A 70 18.69 2.91 18.72
N GLY A 71 18.99 1.78 19.35
CA GLY A 71 19.30 0.61 18.54
C GLY A 71 18.29 0.25 17.45
N HIS A 72 18.77 -0.39 16.37
CA HIS A 72 17.85 -0.95 15.38
C HIS A 72 17.01 -2.05 16.01
N ALA A 73 17.63 -2.90 16.83
CA ALA A 73 16.87 -3.95 17.49
C ALA A 73 15.86 -3.37 18.48
N GLU A 74 16.17 -2.23 19.11
CA GLU A 74 15.22 -1.67 20.05
C GLU A 74 14.09 -0.93 19.34
N SER A 75 14.41 -0.22 18.25
CA SER A 75 13.35 0.38 17.45
C SER A 75 12.45 -0.69 16.86
N PHE A 76 13.05 -1.75 16.34
CA PHE A 76 12.28 -2.87 15.81
C PHE A 76 11.33 -3.46 16.86
N ALA A 77 11.83 -3.66 18.09
CA ALA A 77 10.98 -4.24 19.12
C ALA A 77 9.82 -3.31 19.45
N LYS A 78 10.10 -2.02 19.65
CA LYS A 78 9.02 -1.09 19.98
C LYS A 78 8.00 -1.02 18.85
N LEU A 79 8.47 -0.93 17.61
CA LEU A 79 7.58 -0.66 16.50
C LEU A 79 6.86 -1.91 16.03
N VAL A 80 7.57 -3.03 15.93
CA VAL A 80 6.99 -4.24 15.36
C VAL A 80 6.31 -5.08 16.43
N HIS A 81 6.97 -5.30 17.57
CA HIS A 81 6.44 -6.23 18.57
C HIS A 81 5.44 -5.58 19.51
N ARG A 82 5.75 -4.40 20.04
CA ARG A 82 4.78 -3.68 20.87
C ARG A 82 3.80 -2.87 20.03
N ARG A 83 4.03 -2.77 18.72
CA ARG A 83 3.12 -2.09 17.81
C ARG A 83 2.88 -0.64 18.22
N ARG A 84 3.95 0.05 18.59
CA ARG A 84 3.88 1.47 18.90
C ARG A 84 4.01 2.30 17.61
N GLY A 85 3.89 3.61 17.75
CA GLY A 85 4.00 4.49 16.62
C GLY A 85 5.44 4.81 16.33
N GLY A 86 5.65 5.87 15.54
CA GLY A 86 6.95 6.23 15.05
C GLY A 86 7.22 7.71 15.17
N ASN A 87 8.44 8.08 14.76
CA ASN A 87 8.95 9.44 14.78
C ASN A 87 10.34 9.36 14.16
N CYS A 88 11.00 10.50 14.09
CA CYS A 88 12.14 10.56 13.19
C CYS A 88 13.35 9.77 13.69
N LEU A 89 13.43 9.49 15.00
CA LEU A 89 14.54 8.69 15.53
C LEU A 89 14.22 7.20 15.63
N GLU A 90 12.95 6.86 15.83
CA GLU A 90 12.57 5.46 16.01
C GLU A 90 12.00 4.82 14.75
N SER A 91 11.53 5.59 13.77
CA SER A 91 11.00 5.02 12.54
C SER A 91 11.97 5.15 11.37
N THR A 92 12.52 6.34 11.17
CA THR A 92 13.20 6.62 9.90
C THR A 92 14.48 5.82 9.72
N PRO A 93 15.39 5.73 10.72
CA PRO A 93 16.59 4.87 10.54
C PRO A 93 16.24 3.40 10.34
N LEU A 94 15.27 2.88 11.09
CA LEU A 94 14.86 1.49 10.91
C LEU A 94 14.33 1.26 9.49
N PHE A 95 13.45 2.14 9.03
CA PHE A 95 12.99 2.02 7.65
C PHE A 95 14.16 2.06 6.68
N GLY A 96 15.12 2.96 6.90
CA GLY A 96 16.29 3.02 6.03
C GLY A 96 17.10 1.75 6.07
N GLU A 97 17.23 1.13 7.25
CA GLU A 97 17.93 -0.14 7.35
C GLU A 97 17.16 -1.26 6.65
N PHE A 98 15.84 -1.32 6.83
CA PHE A 98 15.07 -2.32 6.08
C PHE A 98 15.25 -2.17 4.57
N LEU A 99 15.19 -0.94 4.04
CA LEU A 99 15.37 -0.73 2.61
C LEU A 99 16.75 -1.15 2.15
N ARG A 100 17.78 -0.89 2.97
N ARG A 100 17.78 -0.92 2.95
CA ARG A 100 19.13 -1.30 2.62
CA ARG A 100 19.12 -1.31 2.52
C ARG A 100 19.21 -2.81 2.47
C ARG A 100 19.28 -2.83 2.50
N GLN A 101 18.63 -3.54 3.43
CA GLN A 101 18.67 -4.99 3.39
C GLN A 101 17.78 -5.57 2.30
N ALA A 102 16.80 -4.83 1.82
CA ALA A 102 15.98 -5.25 0.70
C ALA A 102 16.58 -4.83 -0.62
N GLY A 103 17.80 -4.32 -0.62
CA GLY A 103 18.51 -4.04 -1.86
C GLY A 103 18.42 -2.63 -2.38
N PHE A 104 17.72 -1.72 -1.72
CA PHE A 104 17.70 -0.34 -2.21
C PHE A 104 18.97 0.39 -1.80
N GLU A 105 19.31 1.41 -2.57
CA GLU A 105 20.48 2.24 -2.30
C GLU A 105 20.01 3.45 -1.49
N VAL A 106 20.41 3.51 -0.22
CA VAL A 106 19.76 4.38 0.74
C VAL A 106 20.79 5.10 1.60
N ARG A 107 20.47 6.34 1.92
CA ARG A 107 21.35 7.32 2.56
C ARG A 107 20.48 8.03 3.59
N LEU A 108 20.98 8.15 4.82
CA LEU A 108 20.26 8.85 5.88
C LEU A 108 20.91 10.22 6.10
N VAL A 109 20.12 11.30 6.03
CA VAL A 109 20.70 12.65 6.02
C VAL A 109 20.04 13.55 7.05
N PRO A 110 20.74 14.54 7.62
CA PRO A 110 20.14 15.39 8.65
C PRO A 110 19.37 16.55 8.05
N ALA A 111 18.36 17.02 8.80
CA ALA A 111 17.44 18.05 8.33
C ALA A 111 17.14 19.03 9.46
N GLN A 112 16.72 20.23 9.06
CA GLN A 112 16.33 21.26 10.00
C GLN A 112 14.94 21.72 9.62
N ILE A 113 14.01 21.72 10.61
CA ILE A 113 12.58 21.92 10.42
C ILE A 113 12.25 23.41 10.53
N TRP A 114 11.31 23.86 9.71
CA TRP A 114 10.81 25.23 9.70
C TRP A 114 9.64 25.38 10.68
N LYS A 115 9.79 26.26 11.67
CA LYS A 115 8.76 26.51 12.67
C LYS A 115 7.57 27.23 12.05
N VAL A 116 6.37 26.93 12.57
CA VAL A 116 5.18 27.65 12.12
C VAL A 116 5.33 29.16 12.36
N SER A 117 5.96 29.56 13.47
CA SER A 117 6.22 30.98 13.75
C SER A 117 6.94 31.68 12.60
N GLY A 118 7.71 30.96 11.80
CA GLY A 118 8.44 31.61 10.73
C GLY A 118 9.94 31.69 10.98
N GLU A 119 10.52 30.58 11.42
CA GLU A 119 11.96 30.52 11.58
C GLU A 119 12.35 29.06 11.73
N TRP A 120 13.66 28.80 11.63
CA TRP A 120 14.18 27.47 11.83
C TRP A 120 14.20 27.11 13.31
N TRP A 121 13.93 25.84 13.60
CA TRP A 121 14.33 25.29 14.87
C TRP A 121 15.84 25.40 15.03
N ASP A 122 16.27 25.47 16.28
CA ASP A 122 17.70 25.73 16.52
C ASP A 122 18.56 24.55 16.08
N ALA A 123 18.10 23.32 16.28
CA ALA A 123 18.92 22.16 16.01
C ALA A 123 18.51 21.48 14.71
N TRP A 124 19.50 20.87 14.06
CA TRP A 124 19.29 20.01 12.90
C TRP A 124 18.94 18.60 13.37
N ASP A 125 17.78 18.49 14.03
CA ASP A 125 17.41 17.26 14.73
C ASP A 125 16.45 16.36 13.94
N HIS A 126 16.14 16.70 12.69
CA HIS A 126 15.35 15.81 11.86
C HIS A 126 16.27 14.87 11.08
N LEU A 127 15.68 13.79 10.56
CA LEU A 127 16.40 12.87 9.68
C LEU A 127 15.57 12.61 8.44
N LEU A 128 16.24 12.35 7.32
CA LEU A 128 15.55 12.03 6.07
C LEU A 128 16.30 10.92 5.37
N LEU A 129 15.57 10.18 4.53
CA LEU A 129 16.18 9.19 3.64
C LEU A 129 16.24 9.74 2.23
N ILE A 130 17.32 9.45 1.54
CA ILE A 130 17.42 9.64 0.10
C ILE A 130 17.71 8.28 -0.51
N VAL A 131 16.84 7.85 -1.41
CA VAL A 131 16.94 6.55 -2.06
C VAL A 131 17.27 6.82 -3.52
N THR A 132 18.23 6.07 -4.06
CA THR A 132 18.68 6.25 -5.44
C THR A 132 18.12 5.11 -6.26
N VAL A 133 17.26 5.43 -7.21
CA VAL A 133 16.63 4.45 -8.09
C VAL A 133 16.90 4.89 -9.51
N ASP A 134 17.61 4.04 -10.26
CA ASP A 134 17.90 4.32 -11.67
C ASP A 134 18.56 5.68 -11.83
N GLY A 135 19.48 6.00 -10.93
CA GLY A 135 20.21 7.25 -11.04
C GLY A 135 19.43 8.50 -10.74
N GLU A 136 18.26 8.39 -10.15
CA GLU A 136 17.59 9.55 -9.59
C GLU A 136 17.49 9.43 -8.07
N ASP A 137 17.54 10.57 -7.40
CA ASP A 137 17.40 10.61 -5.95
C ASP A 137 15.96 10.92 -5.55
N TRP A 138 15.47 10.21 -4.54
CA TRP A 138 14.11 10.34 -4.05
C TRP A 138 14.11 10.54 -2.55
N LEU A 139 13.45 11.60 -2.08
CA LEU A 139 13.30 11.85 -0.65
C LEU A 139 12.16 11.02 -0.06
N LEU A 140 12.36 10.59 1.20
CA LEU A 140 11.39 9.78 1.95
C LEU A 140 11.41 10.22 3.40
N ASP A 141 10.23 10.38 4.00
CA ASP A 141 10.13 10.81 5.40
C ASP A 141 9.02 10.05 6.13
N VAL A 142 9.41 9.08 6.97
CA VAL A 142 8.43 8.32 7.76
C VAL A 142 8.54 8.67 9.24
N GLY A 143 8.85 9.93 9.57
CA GLY A 143 9.00 10.29 10.96
C GLY A 143 8.69 11.74 11.22
N PHE A 144 7.75 12.30 10.45
CA PHE A 144 7.42 13.71 10.51
C PHE A 144 6.01 13.91 11.07
N LEU A 145 5.88 14.88 11.97
CA LEU A 145 4.60 15.09 12.64
C LEU A 145 3.58 15.75 11.72
N MET A 146 3.99 16.79 11.00
CA MET A 146 3.01 17.58 10.28
C MET A 146 2.98 17.24 8.80
N LEU A 147 2.56 18.21 7.99
CA LEU A 147 2.28 17.96 6.58
C LEU A 147 3.58 17.92 5.79
N THR A 148 3.88 16.77 5.20
CA THR A 148 4.96 16.70 4.22
C THR A 148 4.48 15.79 3.07
N PHE A 149 5.41 15.39 2.22
CA PHE A 149 5.05 14.64 1.04
C PHE A 149 4.81 13.19 1.42
N ALA A 150 3.70 12.63 0.91
CA ALA A 150 3.31 11.24 1.13
C ALA A 150 3.67 10.33 -0.03
N GLU A 151 4.16 10.89 -1.13
CA GLU A 151 4.83 10.10 -2.14
C GLU A 151 6.28 10.58 -2.25
N PRO A 152 7.21 9.71 -2.65
CA PRO A 152 8.61 10.12 -2.66
C PRO A 152 8.80 11.38 -3.50
N LEU A 153 9.60 12.31 -2.99
CA LEU A 153 9.83 13.60 -3.64
C LEU A 153 11.11 13.53 -4.44
N LYS A 154 11.02 13.80 -5.73
CA LYS A 154 12.19 13.71 -6.58
C LYS A 154 13.13 14.86 -6.24
N VAL A 155 14.42 14.57 -6.10
CA VAL A 155 15.40 15.62 -5.97
C VAL A 155 15.66 16.18 -7.37
N ALA A 156 14.81 17.13 -7.78
CA ALA A 156 14.84 17.74 -9.10
C ALA A 156 14.15 19.09 -8.94
N GLU A 157 14.09 19.84 -10.02
CA GLU A 157 13.59 21.21 -10.00
C GLU A 157 12.10 21.25 -10.33
N GLY A 158 11.45 22.33 -9.91
CA GLY A 158 10.10 22.59 -10.34
C GLY A 158 9.08 21.92 -9.46
N PRO A 159 7.85 22.44 -9.47
CA PRO A 159 6.81 21.89 -8.58
C PRO A 159 6.57 20.41 -8.87
N GLN A 160 6.24 19.68 -7.82
CA GLN A 160 5.80 18.29 -7.91
C GLN A 160 4.44 18.20 -7.22
N GLU A 161 3.45 17.75 -7.97
CA GLU A 161 2.09 17.74 -7.45
C GLU A 161 1.81 16.38 -6.80
N GLN A 162 1.16 16.41 -5.64
CA GLN A 162 0.80 15.21 -4.89
C GLN A 162 -0.47 15.52 -4.10
N SER A 163 -1.54 14.76 -4.38
CA SER A 163 -2.79 14.81 -3.60
C SER A 163 -3.33 16.22 -3.46
N GLY A 164 -3.29 16.98 -4.55
CA GLY A 164 -3.77 18.35 -4.50
C GLY A 164 -2.85 19.36 -3.86
N TRP A 165 -1.67 18.94 -3.38
CA TRP A 165 -0.66 19.88 -2.90
C TRP A 165 0.51 19.91 -3.87
N ARG A 166 1.17 21.05 -3.91
CA ARG A 166 2.39 21.19 -4.68
C ARG A 166 3.58 21.23 -3.74
N PHE A 167 4.56 20.36 -3.97
CA PHE A 167 5.84 20.36 -3.26
C PHE A 167 6.98 20.67 -4.24
N ARG A 168 8.12 21.08 -3.68
CA ARG A 168 9.34 21.32 -4.47
C ARG A 168 10.59 21.20 -3.60
N VAL A 169 11.69 20.78 -4.22
CA VAL A 169 13.04 20.96 -3.70
C VAL A 169 13.70 22.11 -4.45
N ALA A 170 14.30 23.03 -3.71
CA ALA A 170 15.00 24.16 -4.30
C ALA A 170 16.16 24.56 -3.39
N GLU A 171 17.25 25.03 -4.00
CA GLU A 171 18.43 25.52 -3.28
C GLU A 171 18.17 26.94 -2.77
N GLU A 172 18.11 27.11 -1.44
CA GLU A 172 17.84 28.41 -0.84
C GLU A 172 18.86 28.67 0.25
N GLU A 173 19.56 29.80 0.13
CA GLU A 173 20.60 30.16 1.08
C GLU A 173 21.57 29.02 1.31
N GLY A 174 21.95 28.34 0.22
CA GLY A 174 22.97 27.30 0.25
C GLY A 174 22.49 25.90 0.61
N PHE A 175 21.21 25.72 0.89
CA PHE A 175 20.70 24.42 1.31
C PHE A 175 19.57 23.94 0.41
N PRO A 176 19.54 22.66 0.03
CA PRO A 176 18.30 22.10 -0.56
C PRO A 176 17.14 22.19 0.44
N THR A 177 16.09 22.90 0.04
CA THR A 177 14.98 23.22 0.93
C THR A 177 13.67 22.70 0.36
N VAL A 178 12.96 21.90 1.15
CA VAL A 178 11.67 21.33 0.73
C VAL A 178 10.59 22.32 1.15
N SER A 179 9.81 22.79 0.17
CA SER A 179 8.73 23.72 0.41
C SER A 179 7.42 23.17 -0.09
N HIS A 180 6.36 23.85 0.33
CA HIS A 180 5.00 23.46 0.09
C HIS A 180 4.26 24.72 -0.36
N GLN A 181 3.43 24.59 -1.39
CA GLN A 181 2.74 25.75 -1.97
C GLN A 181 1.45 26.02 -1.21
N GLY A 182 1.34 27.22 -0.64
CA GLY A 182 0.22 27.57 0.21
C GLY A 182 -1.03 27.88 -0.58
N PRO A 183 -2.09 28.24 0.14
CA PRO A 183 -3.37 28.48 -0.54
C PRO A 183 -3.28 29.65 -1.49
N ASP A 184 -2.80 30.79 -1.01
CA ASP A 184 -2.44 31.91 -1.89
C ASP A 184 -1.73 31.41 -3.13
N GLY A 185 -0.47 31.02 -2.97
CA GLY A 185 0.40 30.63 -4.07
C GLY A 185 1.84 30.80 -3.64
N THR A 186 2.01 31.39 -2.46
CA THR A 186 3.31 31.49 -1.84
C THR A 186 3.77 30.14 -1.33
N TRP A 187 5.08 29.96 -1.28
CA TRP A 187 5.68 28.72 -0.82
C TRP A 187 6.19 28.87 0.60
N THR A 188 5.95 27.87 1.43
CA THR A 188 6.46 27.84 2.78
C THR A 188 7.41 26.66 2.95
N ALA A 189 8.53 26.88 3.63
CA ALA A 189 9.45 25.78 3.86
C ALA A 189 8.82 24.74 4.77
N VAL A 190 9.13 23.48 4.51
CA VAL A 190 8.86 22.39 5.44
C VAL A 190 10.12 22.01 6.24
N TYR A 191 11.24 21.83 5.54
CA TYR A 191 12.54 21.68 6.17
C TYR A 191 13.61 21.77 5.10
N ARG A 192 14.86 21.99 5.54
CA ARG A 192 16.01 21.88 4.67
C ARG A 192 16.89 20.75 5.16
N TYR A 193 17.73 20.23 4.27
CA TYR A 193 18.61 19.13 4.63
C TYR A 193 20.03 19.38 4.10
N ARG A 194 20.96 18.53 4.55
CA ARG A 194 22.33 18.46 4.07
C ARG A 194 22.58 17.06 3.57
N ASP A 195 23.18 16.94 2.39
CA ASP A 195 23.56 15.62 1.88
C ASP A 195 24.85 15.20 2.58
N GLU A 196 24.68 14.62 3.76
CA GLU A 196 25.77 14.20 4.62
C GLU A 196 25.35 12.89 5.28
N PRO A 197 25.68 11.75 4.68
CA PRO A 197 25.19 10.47 5.22
C PRO A 197 25.51 10.27 6.70
N GLN A 198 24.49 9.84 7.44
CA GLN A 198 24.55 9.68 8.89
C GLN A 198 24.54 8.21 9.27
N GLN A 199 25.28 7.89 10.30
CA GLN A 199 25.11 6.65 11.04
C GLN A 199 24.61 6.97 12.44
N ARG A 200 24.39 5.93 13.23
CA ARG A 200 23.88 6.11 14.58
C ARG A 200 24.75 7.06 15.39
N ALA A 201 26.08 6.88 15.32
CA ALA A 201 27.02 7.75 16.01
C ALA A 201 26.93 9.23 15.59
N ASP A 202 26.43 9.52 14.40
CA ASP A 202 26.36 10.91 13.94
C ASP A 202 25.11 11.67 14.40
N TYR A 203 24.00 10.99 14.74
CA TYR A 203 22.81 11.71 15.22
C TYR A 203 22.47 11.39 16.68
N GLU A 204 23.25 10.55 17.35
CA GLU A 204 23.13 10.35 18.78
C GLU A 204 22.95 11.64 19.58
N TRP A 205 23.73 12.68 19.23
CA TRP A 205 23.73 13.92 19.99
C TRP A 205 22.31 14.47 20.22
N ILE A 206 21.37 14.13 19.34
CA ILE A 206 20.01 14.68 19.40
C ILE A 206 19.35 14.40 20.75
N ILE A 207 19.54 13.20 21.27
CA ILE A 207 18.95 12.84 22.55
C ILE A 207 19.44 13.79 23.64
N ASP A 208 20.75 13.96 23.75
CA ASP A 208 21.31 14.89 24.72
C ASP A 208 20.79 16.32 24.49
N PHE A 209 20.71 16.74 23.23
CA PHE A 209 20.21 18.09 22.97
C PHE A 209 18.86 18.32 23.64
N HIS A 210 17.91 17.39 23.48
CA HIS A 210 16.57 17.62 24.02
C HIS A 210 16.51 17.31 25.51
N LYS A 211 17.36 16.39 25.98
CA LYS A 211 17.50 16.16 27.41
C LYS A 211 17.94 17.42 28.14
N SER A 212 18.97 18.09 27.61
CA SER A 212 19.53 19.29 28.23
C SER A 212 18.83 20.57 27.79
N ALA A 213 17.83 20.47 26.92
CA ALA A 213 17.14 21.66 26.46
C ALA A 213 16.22 22.19 27.55
N GLU A 214 16.15 23.51 27.67
CA GLU A 214 15.04 24.15 28.37
C GLU A 214 13.84 24.11 27.44
N ASP A 215 12.76 23.47 27.89
CA ASP A 215 11.51 23.46 27.15
C ASP A 215 11.70 22.86 25.74
N SER A 216 12.04 21.59 25.72
CA SER A 216 12.01 20.86 24.45
C SER A 216 10.57 20.65 23.99
N PRO A 217 10.29 20.79 22.69
CA PRO A 217 8.89 20.63 22.21
C PRO A 217 8.39 19.19 22.25
N LEU A 218 9.27 18.20 22.43
CA LEU A 218 8.88 16.80 22.48
C LEU A 218 8.74 16.30 23.91
N VAL A 219 8.76 17.21 24.89
CA VAL A 219 8.56 16.89 26.30
C VAL A 219 7.39 17.73 26.82
N GLY A 220 6.54 17.12 27.65
CA GLY A 220 5.40 17.81 28.21
C GLY A 220 4.30 18.20 27.23
N THR A 221 4.26 17.59 26.05
CA THR A 221 3.27 18.00 25.05
C THR A 221 2.64 16.77 24.41
N LEU A 222 1.54 17.00 23.71
CA LEU A 222 0.90 15.92 22.97
C LEU A 222 1.05 16.17 21.47
N LEU A 223 1.74 15.26 20.80
CA LEU A 223 2.08 15.37 19.39
C LEU A 223 1.82 14.03 18.74
N CYS A 224 0.81 13.96 17.88
CA CYS A 224 0.60 12.73 17.12
C CYS A 224 -0.16 13.03 15.84
N SER A 225 -0.02 12.10 14.88
CA SER A 225 -0.64 12.33 13.59
C SER A 225 -0.74 11.01 12.85
N ARG A 226 -1.55 11.02 11.78
CA ARG A 226 -1.84 9.81 11.01
C ARG A 226 -2.12 10.23 9.57
N ASN A 227 -1.37 9.69 8.63
CA ASN A 227 -1.73 9.83 7.22
C ASN A 227 -3.03 9.10 6.93
N VAL A 228 -3.89 9.74 6.16
CA VAL A 228 -5.10 9.10 5.64
C VAL A 228 -4.97 9.23 4.13
N PRO A 229 -5.77 8.54 3.33
CA PRO A 229 -5.68 8.75 1.87
C PRO A 229 -6.08 10.18 1.52
N ASP A 230 -5.20 10.86 0.79
CA ASP A 230 -5.40 12.25 0.37
C ASP A 230 -5.15 13.29 1.47
N GLY A 231 -4.59 12.94 2.62
CA GLY A 231 -4.39 13.94 3.65
C GLY A 231 -3.74 13.38 4.88
N LYS A 232 -3.93 14.10 5.99
CA LYS A 232 -3.30 13.76 7.26
C LYS A 232 -4.11 14.38 8.38
N LEU A 233 -4.16 13.70 9.52
CA LEU A 233 -4.75 14.25 10.74
C LEU A 233 -3.64 14.47 11.76
N ILE A 234 -3.49 15.72 12.21
CA ILE A 234 -2.39 16.13 13.08
C ILE A 234 -3.00 16.72 14.35
N MET A 235 -2.66 16.16 15.50
CA MET A 235 -3.05 16.72 16.79
C MET A 235 -1.86 17.33 17.51
N ILE A 236 -1.94 18.64 17.76
CA ILE A 236 -0.92 19.35 18.52
C ILE A 236 -1.61 19.96 19.73
N GLY A 237 -1.43 19.34 20.89
CA GLY A 237 -2.10 19.80 22.09
C GLY A 237 -3.60 19.81 21.90
N GLU A 238 -4.21 20.96 22.14
CA GLU A 238 -5.66 21.13 22.03
C GLU A 238 -6.11 21.50 20.62
N ASN A 239 -5.25 21.40 19.62
CA ASN A 239 -5.59 21.73 18.24
C ASN A 239 -5.50 20.49 17.36
N LEU A 240 -6.39 20.45 16.37
CA LEU A 240 -6.37 19.41 15.35
C LEU A 240 -6.28 20.08 13.99
N LEU A 241 -5.27 19.72 13.21
CA LEU A 241 -5.19 20.12 11.82
C LEU A 241 -5.63 18.95 10.95
N HIS A 242 -6.56 19.21 10.03
CA HIS A 242 -7.06 18.20 9.10
C HIS A 242 -6.66 18.67 7.71
N ALA A 243 -5.63 18.05 7.15
CA ALA A 243 -5.24 18.29 5.77
C ALA A 243 -5.93 17.29 4.85
N ARG A 244 -6.60 17.80 3.81
CA ARG A 244 -7.43 16.97 2.93
C ARG A 244 -7.45 17.61 1.55
N ASN A 245 -6.77 16.99 0.59
CA ASN A 245 -6.89 17.32 -0.83
C ASN A 245 -6.65 18.81 -1.07
N GLY A 246 -5.47 19.26 -0.69
CA GLY A 246 -5.06 20.63 -0.88
C GLY A 246 -5.62 21.64 0.09
N ARG A 247 -6.46 21.24 1.05
CA ARG A 247 -6.97 22.14 2.07
C ARG A 247 -6.50 21.66 3.45
N VAL A 248 -6.18 22.61 4.32
CA VAL A 248 -6.01 22.34 5.74
C VAL A 248 -7.08 23.11 6.49
N SER A 249 -7.67 22.48 7.49
CA SER A 249 -8.57 23.16 8.39
C SER A 249 -8.13 22.88 9.82
N ALA A 250 -8.55 23.74 10.74
CA ALA A 250 -8.11 23.69 12.12
C ALA A 250 -9.32 23.66 13.03
N GLU A 251 -9.23 22.89 14.09
CA GLU A 251 -10.31 22.83 15.06
C GLU A 251 -9.70 22.85 16.45
N PHE A 252 -10.30 23.67 17.33
CA PHE A 252 -9.93 23.68 18.75
C PHE A 252 -10.68 22.59 19.49
N ILE A 253 -9.94 21.65 20.07
CA ILE A 253 -10.52 20.55 20.84
C ILE A 253 -10.81 21.04 22.26
N GLU A 254 -12.09 21.03 22.63
CA GLU A 254 -12.55 21.64 23.88
C GLU A 254 -12.78 20.65 25.01
N THR A 255 -13.18 19.43 24.71
CA THR A 255 -13.56 18.46 25.72
C THR A 255 -12.72 17.20 25.55
N THR A 256 -12.37 16.58 26.68
CA THR A 256 -11.70 15.28 26.62
C THR A 256 -12.50 14.29 25.80
N SER A 257 -13.84 14.38 25.83
CA SER A 257 -14.62 13.50 24.97
C SER A 257 -14.17 13.66 23.52
N ARG A 258 -14.10 14.91 23.05
CA ARG A 258 -13.75 15.18 21.66
C ARG A 258 -12.32 14.73 21.35
N ALA A 259 -11.37 15.00 22.25
CA ALA A 259 -10.02 14.55 21.99
C ALA A 259 -9.94 13.04 21.89
N GLU A 260 -10.81 12.32 22.59
CA GLU A 260 -10.75 10.86 22.54
C GLU A 260 -11.35 10.32 21.24
N GLU A 261 -12.43 10.94 20.74
CA GLU A 261 -12.89 10.63 19.39
C GLU A 261 -11.75 10.73 18.38
N LEU A 262 -11.06 11.88 18.36
CA LEU A 262 -9.99 12.10 17.39
C LEU A 262 -8.81 11.14 17.60
N LEU A 263 -8.41 10.89 18.86
CA LEU A 263 -7.28 9.99 19.08
C LEU A 263 -7.62 8.57 18.67
N ARG A 264 -8.91 8.22 18.62
CA ARG A 264 -9.27 6.89 18.16
C ARG A 264 -9.09 6.76 16.66
N VAL A 265 -9.32 7.83 15.92
CA VAL A 265 -8.99 7.81 14.50
C VAL A 265 -7.46 7.80 14.29
N ILE A 266 -6.76 8.77 14.89
CA ILE A 266 -5.30 8.82 14.72
C ILE A 266 -4.68 7.48 15.08
N PHE A 267 -5.20 6.84 16.12
CA PHE A 267 -4.65 5.58 16.59
C PHE A 267 -5.52 4.38 16.20
N ALA A 268 -6.29 4.51 15.11
CA ALA A 268 -6.96 3.37 14.51
C ALA A 268 -5.98 2.24 14.30
N GLY A 269 -6.42 1.01 14.63
CA GLY A 269 -5.56 -0.15 14.61
C GLY A 269 -4.56 -0.20 15.73
N HIS A 270 -4.52 0.81 16.58
CA HIS A 270 -3.59 0.90 17.70
C HIS A 270 -4.37 1.20 18.98
N GLU A 271 -5.48 0.47 19.16
CA GLU A 271 -6.41 0.81 20.23
C GLU A 271 -5.73 0.74 21.58
N HIS A 272 -4.68 -0.09 21.71
CA HIS A 272 -3.95 -0.18 22.97
C HIS A 272 -3.20 1.10 23.35
N MET A 273 -3.18 2.12 22.49
CA MET A 273 -2.49 3.36 22.81
C MET A 273 -3.42 4.48 23.19
N VAL A 274 -4.73 4.25 23.14
CA VAL A 274 -5.66 5.36 23.27
C VAL A 274 -5.71 5.87 24.70
N GLU A 275 -5.84 4.98 25.68
CA GLU A 275 -5.95 5.43 27.05
C GLU A 275 -4.72 6.25 27.46
N SER A 276 -3.53 5.70 27.24
CA SER A 276 -2.30 6.44 27.49
C SER A 276 -2.32 7.80 26.77
N ALA A 277 -2.72 7.82 25.50
CA ALA A 277 -2.74 9.07 24.74
C ALA A 277 -3.77 10.05 25.28
N VAL A 278 -4.93 9.56 25.74
CA VAL A 278 -5.94 10.44 26.31
C VAL A 278 -5.47 10.99 27.65
N ARG A 279 -4.85 10.15 28.48
CA ARG A 279 -4.24 10.62 29.73
C ARG A 279 -3.21 11.71 29.46
N THR A 280 -2.33 11.48 28.49
CA THR A 280 -1.32 12.46 28.13
C THR A 280 -1.92 13.76 27.64
N TRP A 281 -3.03 13.69 26.90
CA TRP A 281 -3.67 14.91 26.39
C TRP A 281 -4.21 15.76 27.52
N GLU A 282 -4.87 15.12 28.50
CA GLU A 282 -5.38 15.82 29.68
C GLU A 282 -4.24 16.40 30.53
N LYS A 283 -3.24 15.57 30.86
CA LYS A 283 -2.11 16.04 31.65
C LYS A 283 -1.37 17.18 30.95
N ALA A 284 -1.32 17.17 29.62
CA ALA A 284 -0.67 18.26 28.90
C ALA A 284 -1.54 19.50 28.85
N ARG A 285 -2.86 19.34 28.66
CA ARG A 285 -3.74 20.51 28.66
C ARG A 285 -3.75 21.18 30.02
N ALA A 286 -3.84 20.38 31.08
CA ALA A 286 -3.81 20.91 32.45
C ALA A 286 -2.56 21.74 32.68
N ASP A 287 -1.39 21.17 32.35
CA ASP A 287 -0.09 21.75 32.65
C ASP A 287 0.23 22.95 31.76
N ARG A 288 -0.80 23.64 31.26
CA ARG A 288 -0.64 24.95 30.63
C ARG A 288 -1.85 25.82 30.95
N SER A 289 -2.32 25.78 32.20
CA SER A 289 -3.47 26.58 32.62
C SER A 289 -3.26 27.11 34.05
N SER B 21 -23.73 -8.07 6.45
CA SER B 21 -22.78 -7.25 7.20
C SER B 21 -21.63 -8.07 7.79
N LEU B 22 -20.80 -8.62 6.89
CA LEU B 22 -19.64 -9.40 7.31
C LEU B 22 -18.66 -8.55 8.13
N PRO B 23 -17.72 -9.22 8.86
CA PRO B 23 -16.69 -8.52 9.69
C PRO B 23 -15.50 -7.97 8.91
N TRP B 24 -15.69 -6.77 8.36
CA TRP B 24 -14.77 -6.28 7.33
C TRP B 24 -13.38 -5.92 7.84
N ARG B 25 -13.20 -5.73 9.15
CA ARG B 25 -11.87 -5.47 9.66
C ARG B 25 -10.94 -6.65 9.37
N GLU B 26 -11.48 -7.87 9.43
CA GLU B 26 -10.67 -9.06 9.16
C GLU B 26 -10.35 -9.20 7.69
N TYR B 27 -11.24 -8.70 6.83
CA TYR B 27 -10.98 -8.65 5.40
C TYR B 27 -9.86 -7.67 5.08
N LEU B 28 -9.94 -6.44 5.63
CA LEU B 28 -8.88 -5.46 5.42
C LEU B 28 -7.55 -6.00 5.95
N GLU B 29 -7.59 -6.73 7.05
CA GLU B 29 -6.40 -7.41 7.53
C GLU B 29 -5.87 -8.41 6.51
N ARG B 30 -6.75 -9.21 5.92
CA ARG B 30 -6.30 -10.21 4.96
C ARG B 30 -5.66 -9.58 3.70
N ILE B 31 -6.10 -8.39 3.30
CA ILE B 31 -5.51 -7.77 2.11
C ILE B 31 -4.43 -6.75 2.49
N GLY B 32 -3.97 -6.81 3.74
CA GLY B 32 -2.88 -5.94 4.17
C GLY B 32 -3.15 -4.46 3.97
N TYR B 33 -4.39 -4.01 4.29
CA TYR B 33 -4.75 -2.59 4.28
C TYR B 33 -4.98 -2.20 5.73
N GLN B 34 -4.02 -1.48 6.31
CA GLN B 34 -4.02 -1.21 7.74
C GLN B 34 -4.28 0.25 8.05
N GLY B 35 -4.74 1.03 7.07
CA GLY B 35 -4.96 2.44 7.27
C GLY B 35 -6.43 2.77 7.45
N LEU B 36 -6.71 4.07 7.51
CA LEU B 36 -8.05 4.62 7.54
C LEU B 36 -8.69 4.58 6.15
N LEU B 37 -10.03 4.59 6.13
CA LEU B 37 -10.83 4.61 4.92
C LEU B 37 -11.54 5.94 4.75
N ASN B 38 -11.58 6.43 3.53
CA ASN B 38 -12.55 7.45 3.14
C ASN B 38 -12.97 7.11 1.71
N ASN B 39 -13.74 7.98 1.07
CA ASN B 39 -14.26 7.65 -0.25
C ASN B 39 -13.56 8.42 -1.35
N SER B 40 -12.34 8.88 -1.11
CA SER B 40 -11.55 9.50 -2.16
C SER B 40 -11.12 8.46 -3.19
N LEU B 41 -10.87 8.92 -4.41
CA LEU B 41 -10.20 8.07 -5.39
C LEU B 41 -8.87 7.53 -4.85
N GLU B 42 -8.19 8.31 -3.99
CA GLU B 42 -6.91 7.85 -3.46
C GLU B 42 -7.08 6.60 -2.62
N CYS B 43 -8.13 6.57 -1.79
CA CYS B 43 -8.43 5.39 -0.99
C CYS B 43 -8.80 4.20 -1.87
N LEU B 44 -9.64 4.42 -2.89
CA LEU B 44 -9.95 3.34 -3.82
C LEU B 44 -8.69 2.77 -4.45
N ARG B 45 -7.73 3.64 -4.81
CA ARG B 45 -6.50 3.14 -5.43
C ARG B 45 -5.71 2.28 -4.47
N GLU B 46 -5.65 2.69 -3.20
CA GLU B 46 -4.88 1.95 -2.21
C GLU B 46 -5.53 0.60 -1.92
N LEU B 47 -6.86 0.56 -1.82
CA LEU B 47 -7.56 -0.72 -1.63
C LEU B 47 -7.35 -1.65 -2.82
N TYR B 48 -7.41 -1.11 -4.03
CA TYR B 48 -7.22 -1.93 -5.23
C TYR B 48 -5.84 -2.55 -5.22
N THR B 49 -4.82 -1.72 -5.04
CA THR B 49 -3.44 -2.18 -4.96
C THR B 49 -3.27 -3.22 -3.86
N ALA B 50 -3.82 -2.94 -2.67
CA ALA B 50 -3.63 -3.89 -1.57
C ALA B 50 -4.20 -5.26 -1.93
N HIS B 51 -5.37 -5.30 -2.57
CA HIS B 51 -5.98 -6.58 -2.97
C HIS B 51 -5.08 -7.30 -3.96
N LEU B 52 -4.65 -6.58 -4.99
CA LEU B 52 -3.88 -7.22 -6.06
C LEU B 52 -2.57 -7.80 -5.53
N ARG B 53 -1.87 -7.07 -4.64
CA ARG B 53 -0.56 -7.56 -4.17
C ARG B 53 -0.72 -8.67 -3.14
N SER B 54 -1.85 -8.70 -2.41
CA SER B 54 -2.03 -9.61 -1.29
C SER B 54 -2.67 -10.93 -1.65
N VAL B 55 -3.48 -10.95 -2.72
CA VAL B 55 -4.33 -12.10 -3.02
C VAL B 55 -3.92 -12.68 -4.37
N PRO B 56 -3.40 -13.90 -4.43
CA PRO B 56 -3.09 -14.49 -5.74
C PRO B 56 -4.38 -14.95 -6.43
N TYR B 57 -4.33 -14.97 -7.75
CA TYR B 57 -5.37 -15.60 -8.53
C TYR B 57 -5.10 -17.09 -8.53
N GLU B 58 -6.10 -17.90 -8.21
CA GLU B 58 -5.91 -19.34 -8.26
C GLU B 58 -7.26 -20.02 -8.45
N MET B 59 -7.22 -21.17 -9.12
CA MET B 59 -8.42 -21.91 -9.50
C MET B 59 -8.36 -23.34 -8.98
N LEU B 60 -7.61 -23.56 -7.89
CA LEU B 60 -7.20 -24.92 -7.54
C LEU B 60 -8.40 -25.81 -7.26
N ASP B 61 -9.44 -25.28 -6.61
CA ASP B 61 -10.54 -26.14 -6.19
C ASP B 61 -11.38 -26.61 -7.35
N SER B 62 -11.25 -25.98 -8.51
CA SER B 62 -12.03 -26.34 -9.68
C SER B 62 -11.23 -27.16 -10.70
N PHE B 63 -9.95 -27.41 -10.44
CA PHE B 63 -9.23 -28.40 -11.22
C PHE B 63 -9.97 -29.72 -11.23
N ASP B 64 -10.62 -30.04 -10.11
CA ASP B 64 -11.41 -31.25 -9.94
C ASP B 64 -12.57 -31.34 -10.94
N GLY B 65 -12.99 -30.22 -11.50
CA GLY B 65 -14.33 -30.09 -12.02
C GLY B 65 -15.34 -29.62 -10.98
N THR B 66 -14.89 -29.33 -9.75
CA THR B 66 -15.78 -28.89 -8.67
C THR B 66 -16.11 -27.41 -8.81
N PRO B 67 -17.38 -27.02 -8.72
CA PRO B 67 -17.76 -25.61 -8.92
C PRO B 67 -17.54 -24.81 -7.65
N PRO B 68 -17.25 -23.51 -7.77
CA PRO B 68 -17.08 -22.70 -6.57
C PRO B 68 -18.45 -22.40 -5.98
N VAL B 69 -18.56 -22.56 -4.68
CA VAL B 69 -19.78 -22.10 -4.04
C VAL B 69 -19.81 -20.57 -4.11
N LEU B 70 -20.92 -20.01 -4.59
CA LEU B 70 -21.09 -18.56 -4.49
C LEU B 70 -21.78 -18.22 -3.17
N GLY B 71 -21.87 -16.92 -2.88
CA GLY B 71 -22.33 -16.52 -1.54
C GLY B 71 -21.24 -15.73 -0.85
N HIS B 72 -21.59 -14.55 -0.36
CA HIS B 72 -20.60 -13.68 0.26
C HIS B 72 -19.97 -14.33 1.47
N ALA B 73 -20.78 -15.01 2.32
CA ALA B 73 -20.20 -15.62 3.51
C ALA B 73 -19.25 -16.74 3.14
N GLU B 74 -19.61 -17.58 2.17
CA GLU B 74 -18.72 -18.65 1.75
C GLU B 74 -17.42 -18.12 1.16
N SER B 75 -17.50 -17.10 0.29
CA SER B 75 -16.26 -16.62 -0.30
C SER B 75 -15.44 -15.80 0.69
N PHE B 76 -16.10 -15.13 1.63
CA PHE B 76 -15.40 -14.49 2.74
C PHE B 76 -14.60 -15.50 3.56
N ALA B 77 -15.23 -16.64 3.92
CA ALA B 77 -14.54 -17.64 4.73
C ALA B 77 -13.35 -18.23 3.99
N LYS B 78 -13.52 -18.54 2.71
CA LYS B 78 -12.44 -19.10 1.91
C LYS B 78 -11.29 -18.10 1.79
N LEU B 79 -11.61 -16.84 1.47
CA LEU B 79 -10.56 -15.84 1.22
C LEU B 79 -9.90 -15.41 2.53
N VAL B 80 -10.70 -15.14 3.56
CA VAL B 80 -10.22 -14.46 4.75
C VAL B 80 -9.74 -15.46 5.80
N HIS B 81 -10.55 -16.47 6.09
CA HIS B 81 -10.27 -17.39 7.17
C HIS B 81 -9.35 -18.54 6.77
N ARG B 82 -9.52 -19.08 5.57
CA ARG B 82 -8.63 -20.13 5.08
C ARG B 82 -7.46 -19.57 4.27
N ARG B 83 -7.44 -18.27 4.03
CA ARG B 83 -6.33 -17.58 3.37
C ARG B 83 -6.04 -18.22 2.01
N ARG B 84 -7.12 -18.41 1.25
CA ARG B 84 -6.99 -18.92 -0.10
C ARG B 84 -6.92 -17.74 -1.08
N GLY B 85 -6.70 -18.05 -2.36
CA GLY B 85 -6.64 -17.05 -3.40
C GLY B 85 -8.01 -16.69 -3.94
N GLY B 86 -8.00 -15.99 -5.08
CA GLY B 86 -9.21 -15.41 -5.62
C GLY B 86 -9.36 -15.65 -7.12
N ASN B 87 -10.54 -15.33 -7.61
CA ASN B 87 -10.82 -15.37 -9.03
C ASN B 87 -12.06 -14.50 -9.24
N CYS B 88 -12.60 -14.51 -10.45
CA CYS B 88 -13.62 -13.53 -10.77
C CYS B 88 -14.94 -13.82 -10.06
N LEU B 89 -15.26 -15.09 -9.75
CA LEU B 89 -16.53 -15.34 -9.08
C LEU B 89 -16.43 -15.25 -7.57
N GLU B 90 -15.26 -15.45 -7.00
CA GLU B 90 -15.14 -15.45 -5.55
C GLU B 90 -14.58 -14.15 -4.98
N SER B 91 -13.65 -13.49 -5.66
CA SER B 91 -13.04 -12.25 -5.20
C SER B 91 -13.82 -11.01 -5.60
N THR B 92 -14.15 -10.88 -6.89
CA THR B 92 -14.65 -9.60 -7.39
C THR B 92 -15.99 -9.22 -6.78
N PRO B 93 -17.00 -10.10 -6.70
CA PRO B 93 -18.25 -9.69 -6.03
C PRO B 93 -18.03 -9.34 -4.56
N LEU B 94 -17.15 -10.07 -3.89
CA LEU B 94 -16.91 -9.80 -2.48
C LEU B 94 -16.22 -8.45 -2.28
N PHE B 95 -15.20 -8.16 -3.09
CA PHE B 95 -14.63 -6.82 -3.08
C PHE B 95 -15.68 -5.76 -3.38
N GLY B 96 -16.56 -6.01 -4.37
CA GLY B 96 -17.60 -5.05 -4.66
C GLY B 96 -18.54 -4.82 -3.48
N GLU B 97 -18.95 -5.92 -2.83
CA GLU B 97 -19.77 -5.76 -1.64
C GLU B 97 -19.02 -5.03 -0.54
N PHE B 98 -17.70 -5.23 -0.43
CA PHE B 98 -16.95 -4.48 0.56
C PHE B 98 -16.92 -2.99 0.22
N LEU B 99 -16.68 -2.66 -1.06
CA LEU B 99 -16.63 -1.26 -1.44
C LEU B 99 -17.97 -0.58 -1.20
N ARG B 100 -19.07 -1.32 -1.42
CA ARG B 100 -20.41 -0.79 -1.21
C ARG B 100 -20.62 -0.42 0.26
N GLN B 101 -20.22 -1.31 1.16
CA GLN B 101 -20.40 -1.06 2.58
C GLN B 101 -19.41 -0.02 3.11
N ALA B 102 -18.28 0.18 2.45
CA ALA B 102 -17.37 1.28 2.77
C ALA B 102 -17.84 2.60 2.19
N GLY B 103 -18.99 2.63 1.52
CA GLY B 103 -19.60 3.86 1.06
C GLY B 103 -19.31 4.26 -0.36
N PHE B 104 -18.66 3.41 -1.16
CA PHE B 104 -18.48 3.71 -2.57
C PHE B 104 -19.74 3.34 -3.35
N GLU B 105 -19.96 4.01 -4.47
CA GLU B 105 -21.04 3.63 -5.37
C GLU B 105 -20.50 2.66 -6.44
N VAL B 106 -21.03 1.45 -6.46
CA VAL B 106 -20.39 0.31 -7.13
C VAL B 106 -21.42 -0.49 -7.90
N ARG B 107 -21.05 -0.95 -9.09
CA ARG B 107 -21.88 -1.91 -9.81
C ARG B 107 -21.00 -2.99 -10.40
N LEU B 108 -21.58 -4.18 -10.50
CA LEU B 108 -20.91 -5.36 -11.03
C LEU B 108 -21.42 -5.62 -12.46
N VAL B 109 -20.50 -5.79 -13.41
CA VAL B 109 -20.92 -5.88 -14.81
C VAL B 109 -20.28 -7.04 -15.57
N PRO B 110 -20.94 -7.60 -16.57
CA PRO B 110 -20.38 -8.75 -17.28
C PRO B 110 -19.37 -8.36 -18.34
N ALA B 111 -18.43 -9.29 -18.59
CA ALA B 111 -17.32 -9.04 -19.51
C ALA B 111 -17.03 -10.31 -20.28
N GLN B 112 -16.44 -10.14 -21.46
CA GLN B 112 -16.06 -11.23 -22.33
C GLN B 112 -14.58 -11.06 -22.64
N ILE B 113 -13.81 -12.12 -22.40
CA ILE B 113 -12.35 -12.09 -22.48
C ILE B 113 -11.88 -12.36 -23.90
N TRP B 114 -10.79 -11.68 -24.27
CA TRP B 114 -10.15 -11.88 -25.55
C TRP B 114 -9.11 -13.00 -25.45
N LYS B 115 -9.17 -13.96 -26.36
CA LYS B 115 -8.20 -15.05 -26.39
C LYS B 115 -6.86 -14.58 -26.96
N VAL B 116 -5.75 -15.01 -26.33
CA VAL B 116 -4.43 -14.55 -26.77
C VAL B 116 -4.09 -15.01 -28.19
N SER B 117 -4.83 -15.97 -28.73
CA SER B 117 -4.68 -16.41 -30.11
C SER B 117 -5.54 -15.63 -31.12
N GLY B 118 -6.36 -14.68 -30.67
CA GLY B 118 -7.06 -13.80 -31.60
C GLY B 118 -8.54 -14.02 -31.82
N GLU B 119 -9.32 -14.14 -30.74
CA GLU B 119 -10.76 -14.30 -30.85
C GLU B 119 -11.38 -14.24 -29.46
N TRP B 120 -12.70 -14.04 -29.43
CA TRP B 120 -13.42 -13.93 -28.16
C TRP B 120 -13.66 -15.31 -27.57
N TRP B 121 -13.54 -15.41 -26.25
CA TRP B 121 -14.14 -16.55 -25.57
C TRP B 121 -15.64 -16.53 -25.79
N ASP B 122 -16.25 -17.72 -25.76
CA ASP B 122 -17.66 -17.82 -26.16
C ASP B 122 -18.59 -17.20 -25.12
N ALA B 123 -18.35 -17.45 -23.84
CA ALA B 123 -19.24 -16.96 -22.80
C ALA B 123 -18.82 -15.58 -22.29
N TRP B 124 -19.81 -14.80 -21.88
CA TRP B 124 -19.58 -13.55 -21.14
C TRP B 124 -19.45 -13.87 -19.65
N ASP B 125 -18.43 -14.66 -19.32
CA ASP B 125 -18.31 -15.28 -18.01
C ASP B 125 -17.29 -14.58 -17.10
N HIS B 126 -16.84 -13.38 -17.46
CA HIS B 126 -16.03 -12.54 -16.58
C HIS B 126 -16.91 -11.48 -15.93
N LEU B 127 -16.40 -10.87 -14.85
CA LEU B 127 -17.07 -9.81 -14.13
C LEU B 127 -16.11 -8.64 -13.88
N LEU B 128 -16.64 -7.42 -13.91
CA LEU B 128 -15.84 -6.25 -13.56
C LEU B 128 -16.62 -5.41 -12.55
N LEU B 129 -15.88 -4.56 -11.84
CA LEU B 129 -16.48 -3.55 -10.98
C LEU B 129 -16.31 -2.18 -11.65
N ILE B 130 -17.38 -1.39 -11.63
CA ILE B 130 -17.32 0.01 -12.04
C ILE B 130 -17.69 0.85 -10.83
N VAL B 131 -16.77 1.71 -10.41
CA VAL B 131 -16.98 2.54 -9.22
C VAL B 131 -17.09 3.99 -9.67
N THR B 132 -18.04 4.71 -9.08
CA THR B 132 -18.29 6.11 -9.40
C THR B 132 -17.76 6.97 -8.28
N VAL B 133 -16.77 7.78 -8.58
CA VAL B 133 -16.13 8.68 -7.63
C VAL B 133 -16.25 10.07 -8.23
N ASP B 134 -16.99 10.94 -7.54
CA ASP B 134 -17.16 12.32 -7.98
C ASP B 134 -17.59 12.41 -9.45
N GLY B 135 -18.64 11.65 -9.80
CA GLY B 135 -19.20 11.73 -11.12
C GLY B 135 -18.42 11.05 -12.23
N GLU B 136 -17.23 10.51 -11.97
CA GLU B 136 -16.51 9.72 -12.96
C GLU B 136 -16.59 8.24 -12.62
N ASP B 137 -16.55 7.40 -13.65
CA ASP B 137 -16.56 5.97 -13.49
C ASP B 137 -15.14 5.40 -13.58
N TRP B 138 -14.84 4.42 -12.73
CA TRP B 138 -13.52 3.80 -12.63
C TRP B 138 -13.69 2.29 -12.69
N LEU B 139 -12.94 1.62 -13.58
CA LEU B 139 -12.99 0.17 -13.71
C LEU B 139 -11.99 -0.51 -12.76
N LEU B 140 -12.44 -1.56 -12.06
CA LEU B 140 -11.59 -2.33 -11.17
C LEU B 140 -11.75 -3.82 -11.46
N ASP B 141 -10.64 -4.56 -11.45
CA ASP B 141 -10.65 -6.01 -11.71
C ASP B 141 -9.79 -6.74 -10.69
N VAL B 142 -10.41 -7.40 -9.71
CA VAL B 142 -9.61 -8.21 -8.78
C VAL B 142 -9.83 -9.70 -9.03
N GLY B 143 -10.20 -10.08 -10.25
CA GLY B 143 -10.42 -11.48 -10.55
C GLY B 143 -9.91 -11.96 -11.90
N PHE B 144 -8.74 -11.50 -12.33
CA PHE B 144 -8.25 -11.76 -13.67
C PHE B 144 -6.92 -12.52 -13.61
N LEU B 145 -6.85 -13.61 -14.38
CA LEU B 145 -5.63 -14.42 -14.42
C LEU B 145 -4.47 -13.68 -15.08
N MET B 146 -4.71 -13.05 -16.22
CA MET B 146 -3.65 -12.53 -17.09
C MET B 146 -3.38 -11.06 -16.82
N LEU B 147 -2.73 -10.38 -17.77
CA LEU B 147 -2.37 -8.99 -17.58
C LEU B 147 -3.57 -8.10 -17.79
N THR B 148 -3.85 -7.26 -16.81
CA THR B 148 -4.80 -6.18 -16.97
C THR B 148 -4.31 -4.99 -16.14
N PHE B 149 -5.10 -3.92 -16.14
CA PHE B 149 -4.73 -2.70 -15.42
C PHE B 149 -4.67 -2.99 -13.92
N ALA B 150 -3.59 -2.54 -13.26
CA ALA B 150 -3.46 -2.68 -11.82
C ALA B 150 -3.75 -1.38 -11.07
N GLU B 151 -4.19 -0.34 -11.78
CA GLU B 151 -4.68 0.90 -11.20
C GLU B 151 -6.05 1.13 -11.79
N PRO B 152 -6.97 1.73 -11.05
CA PRO B 152 -8.32 1.92 -11.58
C PRO B 152 -8.25 2.61 -12.95
N LEU B 153 -9.01 2.07 -13.90
CA LEU B 153 -9.01 2.56 -15.26
C LEU B 153 -10.21 3.48 -15.43
N LYS B 154 -9.95 4.74 -15.76
CA LYS B 154 -11.05 5.67 -15.90
C LYS B 154 -11.84 5.34 -17.17
N VAL B 155 -13.16 5.29 -17.04
CA VAL B 155 -14.01 5.13 -18.21
C VAL B 155 -14.04 6.49 -18.90
N ALA B 156 -13.20 6.64 -19.91
CA ALA B 156 -13.02 7.89 -20.63
C ALA B 156 -12.15 7.56 -21.82
N GLU B 157 -12.00 8.52 -22.72
CA GLU B 157 -11.24 8.30 -23.94
C GLU B 157 -9.78 8.70 -23.76
N GLY B 158 -8.90 7.98 -24.45
CA GLY B 158 -7.49 8.31 -24.46
C GLY B 158 -6.64 7.29 -23.74
N PRO B 159 -5.36 7.20 -24.10
CA PRO B 159 -4.48 6.23 -23.44
C PRO B 159 -4.23 6.62 -21.99
N GLN B 160 -4.13 5.62 -21.13
CA GLN B 160 -3.75 5.83 -19.74
C GLN B 160 -2.51 4.98 -19.48
N GLU B 161 -1.46 5.60 -18.95
CA GLU B 161 -0.19 4.93 -18.69
C GLU B 161 -0.21 4.27 -17.31
N GLN B 162 0.23 3.02 -17.26
CA GLN B 162 0.32 2.26 -16.01
C GLN B 162 1.50 1.29 -16.13
N SER B 163 2.55 1.51 -15.34
CA SER B 163 3.69 0.60 -15.23
C SER B 163 4.33 0.30 -16.59
N GLY B 164 4.37 1.31 -17.47
CA GLY B 164 4.91 1.09 -18.79
C GLY B 164 3.98 0.47 -19.81
N TRP B 165 2.73 0.18 -19.44
CA TRP B 165 1.70 -0.10 -20.43
C TRP B 165 0.78 1.10 -20.58
N ARG B 166 0.20 1.23 -21.77
CA ARG B 166 -0.90 2.15 -22.02
C ARG B 166 -2.17 1.32 -22.15
N PHE B 167 -3.18 1.66 -21.35
CA PHE B 167 -4.49 1.06 -21.48
C PHE B 167 -5.48 2.11 -21.99
N ARG B 168 -6.60 1.63 -22.52
CA ARG B 168 -7.70 2.53 -22.85
C ARG B 168 -8.99 1.76 -22.77
N VAL B 169 -10.08 2.49 -22.57
CA VAL B 169 -11.42 2.02 -22.87
C VAL B 169 -11.89 2.74 -24.14
N ALA B 170 -12.41 1.99 -25.08
CA ALA B 170 -12.88 2.53 -26.35
C ALA B 170 -14.10 1.72 -26.80
N GLU B 171 -15.05 2.39 -27.45
CA GLU B 171 -16.22 1.70 -27.99
C GLU B 171 -15.83 1.05 -29.30
N GLU B 172 -15.86 -0.27 -29.35
CA GLU B 172 -15.53 -1.07 -30.53
C GLU B 172 -16.66 -2.05 -30.80
N GLU B 173 -17.17 -2.02 -32.04
CA GLU B 173 -18.29 -2.90 -32.45
C GLU B 173 -19.44 -2.90 -31.45
N GLY B 174 -19.79 -1.71 -30.94
CA GLY B 174 -20.89 -1.55 -30.02
C GLY B 174 -20.61 -1.83 -28.54
N PHE B 175 -19.38 -2.17 -28.18
CA PHE B 175 -19.14 -2.45 -26.77
C PHE B 175 -17.98 -1.62 -26.24
N PRO B 176 -18.05 -1.18 -24.98
CA PRO B 176 -16.84 -0.68 -24.28
C PRO B 176 -15.79 -1.79 -24.18
N THR B 177 -14.60 -1.52 -24.71
CA THR B 177 -13.55 -2.51 -24.89
C THR B 177 -12.25 -2.01 -24.27
N VAL B 178 -11.71 -2.78 -23.34
CA VAL B 178 -10.44 -2.45 -22.70
C VAL B 178 -9.31 -3.09 -23.50
N SER B 179 -8.34 -2.27 -23.93
CA SER B 179 -7.17 -2.75 -24.65
C SER B 179 -5.91 -2.15 -24.06
N HIS B 180 -4.78 -2.78 -24.37
CA HIS B 180 -3.49 -2.25 -24.00
C HIS B 180 -2.60 -2.18 -25.25
N GLN B 181 -1.79 -1.12 -25.33
CA GLN B 181 -0.87 -0.88 -26.44
C GLN B 181 0.51 -1.43 -26.09
N GLY B 182 1.13 -2.11 -27.05
CA GLY B 182 2.46 -2.68 -26.84
C GLY B 182 3.14 -3.22 -28.09
N THR B 186 0.77 -0.98 -30.75
CA THR B 186 -0.27 -1.95 -31.12
C THR B 186 -1.33 -2.12 -30.02
N TRP B 187 -2.65 -1.99 -30.35
CA TRP B 187 -3.74 -2.10 -29.37
C TRP B 187 -4.39 -3.48 -29.42
N THR B 188 -4.16 -4.27 -28.38
CA THR B 188 -4.75 -5.61 -28.23
C THR B 188 -5.84 -5.61 -27.15
N ALA B 189 -6.96 -6.26 -27.46
CA ALA B 189 -8.06 -6.29 -26.50
C ALA B 189 -7.71 -7.16 -25.30
N VAL B 190 -8.10 -6.68 -24.12
CA VAL B 190 -8.09 -7.47 -22.89
C VAL B 190 -9.45 -8.13 -22.65
N TYR B 191 -10.50 -7.32 -22.62
CA TYR B 191 -11.88 -7.81 -22.63
C TYR B 191 -12.80 -6.64 -22.97
N ARG B 192 -14.05 -6.98 -23.30
CA ARG B 192 -15.13 -6.01 -23.43
C ARG B 192 -16.17 -6.30 -22.37
N TYR B 193 -16.98 -5.29 -22.06
CA TYR B 193 -17.98 -5.43 -21.02
C TYR B 193 -19.26 -4.74 -21.45
N ARG B 194 -20.33 -5.01 -20.70
CA ARG B 194 -21.63 -4.38 -20.91
C ARG B 194 -22.00 -3.65 -19.63
N ASP B 195 -22.53 -2.44 -19.76
CA ASP B 195 -22.96 -1.70 -18.57
C ASP B 195 -24.34 -2.21 -18.16
N GLU B 196 -24.35 -3.37 -17.51
CA GLU B 196 -25.59 -4.02 -17.06
C GLU B 196 -25.37 -4.52 -15.64
N PRO B 197 -25.80 -3.75 -14.63
CA PRO B 197 -25.54 -4.15 -13.24
C PRO B 197 -26.05 -5.55 -12.93
N GLN B 198 -25.27 -6.29 -12.15
CA GLN B 198 -25.48 -7.71 -11.93
C GLN B 198 -25.67 -8.00 -10.45
N GLN B 199 -26.59 -8.89 -10.14
CA GLN B 199 -26.67 -9.55 -8.86
C GLN B 199 -26.34 -11.02 -9.05
N ARG B 200 -26.20 -11.72 -7.93
CA ARG B 200 -25.78 -13.12 -8.01
C ARG B 200 -26.71 -13.92 -8.93
N ALA B 201 -28.01 -13.64 -8.89
CA ALA B 201 -28.94 -14.34 -9.76
C ALA B 201 -28.55 -14.21 -11.23
N ASP B 202 -28.04 -13.05 -11.63
CA ASP B 202 -27.75 -12.80 -13.04
C ASP B 202 -26.49 -13.51 -13.55
N TYR B 203 -25.51 -13.78 -12.68
CA TYR B 203 -24.30 -14.47 -13.14
C TYR B 203 -24.18 -15.91 -12.65
N GLU B 204 -25.17 -16.44 -11.92
CA GLU B 204 -25.08 -17.83 -11.49
C GLU B 204 -24.92 -18.79 -12.66
N TRP B 205 -25.54 -18.49 -13.81
CA TRP B 205 -25.46 -19.40 -14.94
C TRP B 205 -24.03 -19.81 -15.28
N ILE B 206 -23.04 -19.03 -14.83
CA ILE B 206 -21.64 -19.28 -15.20
C ILE B 206 -21.21 -20.66 -14.73
N ILE B 207 -21.69 -21.08 -13.55
CA ILE B 207 -21.33 -22.39 -12.98
C ILE B 207 -21.74 -23.50 -13.94
N ASP B 208 -23.03 -23.53 -14.32
CA ASP B 208 -23.54 -24.62 -15.15
C ASP B 208 -22.96 -24.59 -16.54
N PHE B 209 -22.71 -23.39 -17.09
CA PHE B 209 -22.02 -23.31 -18.37
C PHE B 209 -20.71 -24.10 -18.34
N HIS B 210 -19.97 -24.04 -17.23
CA HIS B 210 -18.68 -24.73 -17.18
C HIS B 210 -18.78 -26.19 -16.76
N LYS B 211 -19.81 -26.58 -15.99
CA LYS B 211 -20.13 -28.00 -15.81
C LYS B 211 -20.46 -28.64 -17.14
N SER B 212 -21.25 -27.95 -17.97
CA SER B 212 -21.75 -28.47 -19.24
C SER B 212 -20.70 -28.46 -20.35
N ALA B 213 -19.65 -27.65 -20.23
CA ALA B 213 -18.66 -27.53 -21.29
C ALA B 213 -17.89 -28.83 -21.44
N GLU B 214 -17.43 -29.12 -22.66
CA GLU B 214 -16.68 -30.35 -22.88
C GLU B 214 -15.21 -30.17 -22.52
N ASP B 215 -14.59 -29.10 -23.01
CA ASP B 215 -13.20 -28.80 -22.72
C ASP B 215 -13.08 -27.41 -22.11
N SER B 216 -13.71 -27.22 -20.95
CA SER B 216 -13.58 -25.94 -20.24
C SER B 216 -12.13 -25.67 -19.88
N PRO B 217 -11.61 -24.47 -20.14
CA PRO B 217 -10.20 -24.16 -19.79
C PRO B 217 -9.96 -24.05 -18.30
N LEU B 218 -11.02 -23.91 -17.50
CA LEU B 218 -10.90 -23.78 -16.05
C LEU B 218 -10.86 -25.13 -15.35
N VAL B 219 -10.96 -26.23 -16.09
CA VAL B 219 -10.98 -27.58 -15.54
C VAL B 219 -9.75 -28.33 -16.05
N GLY B 220 -9.13 -29.11 -15.17
CA GLY B 220 -8.01 -29.95 -15.57
C GLY B 220 -6.77 -29.20 -16.01
N THR B 221 -6.55 -27.99 -15.52
CA THR B 221 -5.31 -27.30 -15.83
C THR B 221 -4.93 -26.40 -14.66
N LEU B 222 -3.65 -26.09 -14.54
CA LEU B 222 -3.20 -25.22 -13.45
C LEU B 222 -3.17 -23.77 -13.94
N LEU B 223 -3.84 -22.90 -13.19
CA LEU B 223 -3.97 -21.49 -13.55
C LEU B 223 -3.78 -20.66 -12.29
N CYS B 224 -2.65 -19.95 -12.20
CA CYS B 224 -2.49 -19.02 -11.09
C CYS B 224 -1.58 -17.87 -11.48
N SER B 225 -1.68 -16.78 -10.73
CA SER B 225 -0.93 -15.57 -11.04
C SER B 225 -0.92 -14.68 -9.81
N ARG B 226 0.02 -13.73 -9.83
CA ARG B 226 0.26 -12.85 -8.70
C ARG B 226 0.83 -11.55 -9.22
N ASN B 227 0.19 -10.44 -8.84
CA ASN B 227 0.70 -9.11 -9.14
C ASN B 227 1.95 -8.84 -8.32
N VAL B 228 2.93 -8.22 -8.96
CA VAL B 228 4.16 -7.75 -8.31
C VAL B 228 4.31 -6.28 -8.65
N PRO B 229 5.15 -5.56 -7.93
CA PRO B 229 5.38 -4.14 -8.27
C PRO B 229 5.82 -3.94 -9.71
N ASP B 230 4.98 -3.27 -10.49
CA ASP B 230 5.22 -2.97 -11.90
C ASP B 230 5.06 -4.18 -12.83
N GLY B 231 4.45 -5.27 -12.39
CA GLY B 231 4.16 -6.37 -13.31
C GLY B 231 3.33 -7.48 -12.70
N LYS B 232 3.44 -8.66 -13.31
CA LYS B 232 2.63 -9.79 -12.93
C LYS B 232 3.35 -11.07 -13.30
N LEU B 233 3.21 -12.08 -12.45
CA LEU B 233 3.66 -13.44 -12.76
C LEU B 233 2.44 -14.31 -12.99
N ILE B 234 2.42 -15.01 -14.12
CA ILE B 234 1.29 -15.78 -14.60
C ILE B 234 1.78 -17.18 -14.95
N MET B 235 1.17 -18.19 -14.35
CA MET B 235 1.47 -19.57 -14.68
C MET B 235 0.22 -20.24 -15.24
N ILE B 236 0.33 -20.72 -16.48
CA ILE B 236 -0.72 -21.51 -17.11
C ILE B 236 -0.09 -22.83 -17.53
N GLY B 237 -0.50 -23.91 -16.86
CA GLY B 237 0.13 -25.20 -17.09
C GLY B 237 1.63 -25.09 -16.99
N GLU B 238 2.34 -25.46 -18.03
CA GLU B 238 3.78 -25.48 -18.00
C GLU B 238 4.39 -24.16 -18.49
N ASN B 239 3.57 -23.14 -18.69
CA ASN B 239 4.03 -21.86 -19.20
C ASN B 239 4.02 -20.82 -18.10
N LEU B 240 5.07 -20.02 -18.06
CA LEU B 240 5.16 -18.89 -17.14
C LEU B 240 5.28 -17.63 -17.96
N LEU B 241 4.31 -16.75 -17.82
CA LEU B 241 4.38 -15.42 -18.43
C LEU B 241 4.81 -14.46 -17.35
N HIS B 242 5.88 -13.74 -17.59
CA HIS B 242 6.39 -12.75 -16.65
C HIS B 242 6.21 -11.38 -17.30
N ALA B 243 5.22 -10.64 -16.82
CA ALA B 243 4.94 -9.29 -17.31
C ALA B 243 5.68 -8.28 -16.43
N ARG B 244 6.58 -7.51 -17.02
CA ARG B 244 7.29 -6.51 -16.25
C ARG B 244 7.43 -5.26 -17.10
N ASN B 245 6.87 -4.16 -16.62
CA ASN B 245 7.29 -2.85 -17.07
C ASN B 245 7.13 -2.69 -18.59
N GLY B 246 5.95 -3.06 -19.10
CA GLY B 246 5.58 -2.82 -20.48
C GLY B 246 5.75 -4.02 -21.40
N ARG B 247 6.54 -5.01 -21.01
CA ARG B 247 6.85 -6.18 -21.82
C ARG B 247 6.45 -7.45 -21.08
N VAL B 248 6.22 -8.51 -21.86
CA VAL B 248 5.93 -9.84 -21.35
C VAL B 248 6.91 -10.83 -21.96
N SER B 249 7.61 -11.58 -21.11
CA SER B 249 8.44 -12.69 -21.53
C SER B 249 7.76 -14.02 -21.21
N ALA B 250 8.11 -15.06 -21.97
CA ALA B 250 7.51 -16.37 -21.85
C ALA B 250 8.56 -17.41 -21.50
N GLU B 251 8.23 -18.31 -20.58
CA GLU B 251 9.14 -19.35 -20.15
C GLU B 251 8.41 -20.68 -20.16
N PHE B 252 9.14 -21.74 -20.52
CA PHE B 252 8.62 -23.09 -20.39
C PHE B 252 9.18 -23.73 -19.12
N ILE B 253 8.29 -24.27 -18.29
CA ILE B 253 8.66 -24.86 -17.01
C ILE B 253 8.89 -26.35 -17.22
N GLU B 254 10.16 -26.78 -17.15
CA GLU B 254 10.52 -28.14 -17.56
C GLU B 254 10.46 -29.15 -16.42
N THR B 255 10.80 -28.76 -15.19
CA THR B 255 10.92 -29.67 -14.07
C THR B 255 9.93 -29.32 -12.97
N THR B 256 9.48 -30.33 -12.22
CA THR B 256 8.67 -30.07 -11.03
C THR B 256 9.39 -29.16 -10.05
N SER B 257 10.73 -29.20 -10.03
CA SER B 257 11.45 -28.35 -9.08
C SER B 257 11.34 -26.88 -9.44
N ARG B 258 11.44 -26.55 -10.74
CA ARG B 258 11.29 -25.18 -11.17
C ARG B 258 9.84 -24.72 -11.02
N ALA B 259 8.87 -25.62 -11.24
CA ALA B 259 7.48 -25.25 -11.02
C ALA B 259 7.25 -24.84 -9.56
N GLU B 260 7.81 -25.60 -8.62
CA GLU B 260 7.67 -25.28 -7.21
C GLU B 260 8.36 -23.97 -6.87
N GLU B 261 9.57 -23.76 -7.41
CA GLU B 261 10.26 -22.48 -7.21
C GLU B 261 9.40 -21.31 -7.67
N LEU B 262 8.73 -21.44 -8.82
CA LEU B 262 7.86 -20.37 -9.28
C LEU B 262 6.59 -20.26 -8.44
N LEU B 263 6.00 -21.39 -8.05
CA LEU B 263 4.78 -21.30 -7.27
C LEU B 263 5.03 -20.68 -5.89
N ARG B 264 6.26 -20.74 -5.39
CA ARG B 264 6.57 -20.13 -4.11
C ARG B 264 6.66 -18.61 -4.20
N VAL B 265 6.94 -18.08 -5.40
CA VAL B 265 6.78 -16.64 -5.59
C VAL B 265 5.31 -16.28 -5.80
N ILE B 266 4.63 -16.98 -6.71
CA ILE B 266 3.23 -16.68 -6.98
C ILE B 266 2.41 -16.80 -5.71
N PHE B 267 2.72 -17.79 -4.87
CA PHE B 267 2.00 -17.98 -3.62
C PHE B 267 2.79 -17.49 -2.41
N ALA B 268 3.74 -16.56 -2.61
CA ALA B 268 4.44 -15.97 -1.49
C ALA B 268 3.43 -15.55 -0.44
N GLY B 269 3.80 -15.71 0.83
CA GLY B 269 2.87 -15.50 1.92
C GLY B 269 1.70 -16.47 2.01
N HIS B 270 1.60 -17.47 1.13
CA HIS B 270 0.55 -18.50 1.17
C HIS B 270 1.15 -19.88 1.06
N GLU B 271 2.21 -20.11 1.85
CA GLU B 271 2.96 -21.36 1.74
C GLU B 271 2.06 -22.57 1.92
N HIS B 272 1.00 -22.43 2.72
CA HIS B 272 0.09 -23.55 2.91
C HIS B 272 -0.61 -23.98 1.63
N MET B 273 -0.42 -23.28 0.51
CA MET B 273 -1.07 -23.64 -0.75
C MET B 273 -0.11 -24.25 -1.75
N VAL B 274 1.20 -24.19 -1.49
CA VAL B 274 2.19 -24.55 -2.51
C VAL B 274 2.09 -26.04 -2.85
N GLU B 275 2.03 -26.91 -1.83
CA GLU B 275 1.97 -28.35 -2.06
C GLU B 275 0.75 -28.72 -2.90
N SER B 276 -0.39 -28.11 -2.63
CA SER B 276 -1.56 -28.35 -3.45
C SER B 276 -1.33 -27.89 -4.88
N ALA B 277 -0.70 -26.72 -5.06
CA ALA B 277 -0.42 -26.22 -6.41
C ALA B 277 0.59 -27.12 -7.12
N VAL B 278 1.67 -27.52 -6.43
CA VAL B 278 2.65 -28.40 -7.07
C VAL B 278 2.01 -29.71 -7.51
N ARG B 279 1.21 -30.32 -6.63
CA ARG B 279 0.54 -31.57 -6.96
C ARG B 279 -0.40 -31.40 -8.15
N THR B 280 -1.22 -30.34 -8.14
CA THR B 280 -2.05 -30.04 -9.30
C THR B 280 -1.21 -29.81 -10.55
N TRP B 281 -0.06 -29.16 -10.42
CA TRP B 281 0.77 -28.92 -11.60
C TRP B 281 1.26 -30.23 -12.21
N GLU B 282 1.75 -31.15 -11.37
CA GLU B 282 2.23 -32.44 -11.84
C GLU B 282 1.08 -33.25 -12.43
N LYS B 283 -0.04 -33.34 -11.72
CA LYS B 283 -1.19 -34.06 -12.22
C LYS B 283 -1.54 -33.63 -13.64
N ALA B 284 -1.68 -32.31 -13.86
CA ALA B 284 -2.06 -31.80 -15.17
C ALA B 284 -1.00 -32.08 -16.22
N ARG B 285 0.27 -32.09 -15.83
CA ARG B 285 1.34 -32.31 -16.80
C ARG B 285 1.32 -33.74 -17.33
N ALA B 286 1.06 -34.73 -16.47
CA ALA B 286 1.07 -36.12 -16.94
C ALA B 286 -0.15 -36.41 -17.81
N ASP B 287 -1.31 -35.86 -17.43
CA ASP B 287 -2.54 -36.13 -18.15
C ASP B 287 -2.55 -35.57 -19.57
N ARG B 288 -1.73 -34.57 -19.88
CA ARG B 288 -1.70 -34.05 -21.25
C ARG B 288 -0.49 -34.59 -22.04
#